data_4CGU
#
_entry.id   4CGU
#
_cell.length_a   56.010
_cell.length_b   78.380
_cell.length_c   98.790
_cell.angle_alpha   90.00
_cell.angle_beta   90.00
_cell.angle_gamma   90.00
#
_symmetry.space_group_name_H-M   'C 2 2 21'
#
loop_
_entity.id
_entity.type
_entity.pdbx_description
1 polymer 'TPR REPEAT-CONTAINING PROTEIN ASSOCIATED WITH HSP90'
2 polymer 'PROTEIN INTERACTING WITH HSP90 1'
3 polymer 'HEAT SHOCK PROTEIN HSP 90-ALPHA'
4 non-polymer GLYCEROL
5 water water
#
loop_
_entity_poly.entity_id
_entity_poly.type
_entity_poly.pdbx_seq_one_letter_code
_entity_poly.pdbx_strand_id
1 'polypeptide(L)'
;L(MSE)SQFEKQKEQGNSLFKQGLYREAVHCYDQLITAQPQNPVGYSNKA(MSE)ALIKLGEYTQAIQ(MSE)CQQGLRY
TSTAEHVAIRSKLQYRLELAQGAVGSVQIPVVEVDELPEGYDRS
;
A
2 'polypeptide(L)'
;HKIIEEEAGDP(MSE)SILRGRNDDGDDNNDPDDGTLPPLFPIENKISGAKIEEIDKNEIAHRNLKQAPAPAPAPHEQQE
DVPEYEVK(MSE)KRFKGAAYKLRILIENKAPNSKPDRFSPSYNFAENILYINGKLSIPLPRDIVVNAADIKIFHIRKER
TLYIYI
;
B
3 'polypeptide(L)' SRMEEVD C
#
loop_
_chem_comp.id
_chem_comp.type
_chem_comp.name
_chem_comp.formula
GOL non-polymer GLYCEROL 'C3 H8 O3'
#
# COMPACT_ATOMS: atom_id res chain seq x y z
N LEU A 1 -19.89 -29.72 11.87
CA LEU A 1 -18.46 -29.86 11.65
C LEU A 1 -17.91 -28.60 11.01
N MSE A 2 -16.61 -28.37 11.18
CA MSE A 2 -15.96 -27.25 10.52
C MSE A 2 -16.00 -27.41 9.02
O MSE A 2 -15.79 -28.51 8.49
CB MSE A 2 -14.51 -27.14 10.99
CG MSE A 2 -14.34 -26.42 12.29
SE MSE A 2 -12.45 -26.26 12.70
CE MSE A 2 -12.12 -28.10 13.29
N SER A 3 -16.28 -26.31 8.31
CA SER A 3 -16.21 -26.30 6.86
C SER A 3 -14.76 -26.48 6.44
N GLN A 4 -14.51 -26.63 5.15
CA GLN A 4 -13.13 -26.78 4.69
C GLN A 4 -12.36 -25.50 4.99
N PHE A 5 -13.00 -24.36 4.73
CA PHE A 5 -12.40 -23.06 4.96
C PHE A 5 -12.01 -22.90 6.42
N GLU A 6 -12.94 -23.24 7.31
CA GLU A 6 -12.72 -23.11 8.73
C GLU A 6 -11.64 -24.05 9.24
N LYS A 7 -11.56 -25.25 8.66
CA LYS A 7 -10.52 -26.19 9.06
C LYS A 7 -9.14 -25.71 8.61
N GLN A 8 -9.07 -25.16 7.39
CA GLN A 8 -7.82 -24.58 6.91
C GLN A 8 -7.39 -23.42 7.81
N LYS A 9 -8.35 -22.57 8.19
CA LYS A 9 -8.05 -21.45 9.08
C LYS A 9 -7.57 -21.91 10.44
N GLU A 10 -8.27 -22.87 11.04
CA GLU A 10 -7.91 -23.42 12.34
C GLU A 10 -6.51 -24.04 12.30
N GLN A 11 -6.20 -24.71 11.20
CA GLN A 11 -4.88 -25.31 11.02
C GLN A 11 -3.82 -24.21 11.00
N GLY A 12 -4.12 -23.16 10.23
CA GLY A 12 -3.26 -22.00 10.18
C GLY A 12 -2.99 -21.40 11.55
N ASN A 13 -4.05 -21.24 12.34
CA ASN A 13 -3.95 -20.67 13.68
C ASN A 13 -3.16 -21.57 14.63
N SER A 14 -3.30 -22.87 14.46
CA SER A 14 -2.58 -23.82 15.29
C SER A 14 -1.10 -23.69 14.99
N LEU A 15 -0.77 -23.63 13.70
CA LEU A 15 0.62 -23.42 13.31
C LEU A 15 1.16 -22.08 13.83
N PHE A 16 0.32 -21.05 13.82
CA PHE A 16 0.72 -19.73 14.32
C PHE A 16 1.08 -19.82 15.80
N LYS A 17 0.15 -20.34 16.58
CA LYS A 17 0.33 -20.51 18.01
C LYS A 17 1.52 -21.41 18.32
N GLN A 18 1.86 -22.31 17.39
CA GLN A 18 3.05 -23.12 17.56
C GLN A 18 4.33 -22.35 17.25
N GLY A 19 4.21 -21.27 16.48
CA GLY A 19 5.38 -20.49 16.10
C GLY A 19 5.90 -20.89 14.74
N LEU A 20 5.12 -21.70 14.03
CA LEU A 20 5.42 -22.04 12.64
C LEU A 20 4.75 -21.02 11.73
N TYR A 21 5.36 -19.83 11.64
CA TYR A 21 4.73 -18.71 10.96
C TYR A 21 4.66 -18.86 9.44
N ARG A 22 5.70 -19.43 8.84
CA ARG A 22 5.73 -19.63 7.39
C ARG A 22 4.62 -20.57 6.94
N GLU A 23 4.47 -21.69 7.66
CA GLU A 23 3.44 -22.67 7.35
C GLU A 23 2.03 -22.08 7.55
N ALA A 24 1.89 -21.31 8.62
CA ALA A 24 0.67 -20.57 8.89
C ALA A 24 0.32 -19.69 7.69
N VAL A 25 1.30 -18.94 7.20
CA VAL A 25 1.12 -18.13 6.02
C VAL A 25 0.64 -19.02 4.87
N HIS A 26 1.23 -20.20 4.74
CA HIS A 26 0.79 -21.12 3.70
C HIS A 26 -0.70 -21.48 3.78
N CYS A 27 -1.21 -21.67 5.00
CA CYS A 27 -2.66 -21.91 5.15
C CYS A 27 -3.51 -20.66 4.82
N TYR A 28 -3.08 -19.53 5.39
CA TYR A 28 -3.81 -18.28 5.22
C TYR A 28 -3.92 -17.88 3.75
N ASP A 29 -2.89 -18.22 2.98
CA ASP A 29 -2.90 -18.04 1.53
C ASP A 29 -4.06 -18.78 0.88
N GLN A 30 -4.31 -20.00 1.34
CA GLN A 30 -5.42 -20.78 0.83
C GLN A 30 -6.73 -20.13 1.24
N LEU A 31 -6.75 -19.56 2.44
CA LEU A 31 -7.92 -18.77 2.82
C LEU A 31 -8.19 -17.61 1.84
N ILE A 32 -7.14 -16.86 1.52
CA ILE A 32 -7.28 -15.71 0.61
C ILE A 32 -7.69 -16.15 -0.80
N THR A 33 -7.12 -17.25 -1.27
CA THR A 33 -7.47 -17.80 -2.58
C THR A 33 -8.93 -18.23 -2.64
N ALA A 34 -9.39 -18.93 -1.59
CA ALA A 34 -10.79 -19.37 -1.54
C ALA A 34 -11.78 -18.22 -1.38
N GLN A 35 -11.48 -17.28 -0.49
CA GLN A 35 -12.38 -16.16 -0.25
C GLN A 35 -11.65 -14.82 -0.24
N PRO A 36 -11.39 -14.27 -1.43
CA PRO A 36 -10.60 -13.04 -1.55
C PRO A 36 -11.25 -11.83 -0.91
N GLN A 37 -12.54 -11.96 -0.58
N GLN A 37 -12.54 -11.92 -0.58
CA GLN A 37 -13.31 -10.88 0.03
CA GLN A 37 -13.23 -10.81 0.06
C GLN A 37 -13.37 -11.01 1.55
C GLN A 37 -13.32 -10.98 1.58
N ASN A 38 -12.87 -12.13 2.08
CA ASN A 38 -12.89 -12.39 3.51
C ASN A 38 -11.65 -11.77 4.17
N PRO A 39 -11.86 -10.74 5.01
CA PRO A 39 -10.73 -10.02 5.63
C PRO A 39 -9.85 -10.88 6.56
N VAL A 40 -10.39 -11.98 7.06
CA VAL A 40 -9.70 -12.77 8.07
C VAL A 40 -8.40 -13.40 7.53
N GLY A 41 -8.42 -13.82 6.27
CA GLY A 41 -7.22 -14.38 5.65
C GLY A 41 -6.10 -13.36 5.65
N TYR A 42 -6.43 -12.14 5.22
CA TYR A 42 -5.48 -11.03 5.16
C TYR A 42 -4.96 -10.65 6.55
N SER A 43 -5.86 -10.55 7.52
CA SER A 43 -5.47 -10.14 8.88
C SER A 43 -4.53 -11.18 9.51
N ASN A 44 -4.90 -12.45 9.37
CA ASN A 44 -4.09 -13.53 9.93
C ASN A 44 -2.72 -13.61 9.25
N LYS A 45 -2.73 -13.55 7.92
CA LYS A 45 -1.49 -13.59 7.16
C LYS A 45 -0.58 -12.43 7.55
N ALA A 46 -1.17 -11.25 7.72
CA ALA A 46 -0.41 -10.06 8.12
C ALA A 46 0.22 -10.27 9.49
N MSE A 47 -0.53 -10.84 10.42
CA MSE A 47 0.06 -11.12 11.74
C MSE A 47 1.24 -12.11 11.65
O MSE A 47 2.32 -11.91 12.26
CB MSE A 47 -1.00 -11.61 12.74
CG MSE A 47 -0.63 -11.46 14.23
SE MSE A 47 -0.50 -9.61 14.91
CE MSE A 47 1.43 -9.40 14.82
N ALA A 48 1.06 -13.16 10.85
CA ALA A 48 2.15 -14.13 10.67
C ALA A 48 3.41 -13.49 10.04
N LEU A 49 3.20 -12.74 8.96
CA LEU A 49 4.28 -12.05 8.27
C LEU A 49 5.00 -11.09 9.21
N ILE A 50 4.23 -10.41 10.06
CA ILE A 50 4.82 -9.55 11.07
C ILE A 50 5.71 -10.36 12.01
N LYS A 51 5.22 -11.53 12.44
CA LYS A 51 6.05 -12.41 13.27
C LYS A 51 7.31 -12.91 12.53
N LEU A 52 7.28 -12.84 11.20
CA LEU A 52 8.45 -13.24 10.40
C LEU A 52 9.36 -12.06 10.07
N GLY A 53 8.94 -10.85 10.43
CA GLY A 53 9.72 -9.67 10.10
C GLY A 53 9.50 -9.18 8.67
N GLU A 54 8.51 -9.76 7.99
CA GLU A 54 8.15 -9.32 6.65
C GLU A 54 7.17 -8.17 6.73
N TYR A 55 7.65 -7.02 7.19
CA TYR A 55 6.75 -5.88 7.45
C TYR A 55 6.14 -5.26 6.20
N THR A 56 6.92 -5.13 5.12
CA THR A 56 6.43 -4.55 3.88
C THR A 56 5.28 -5.38 3.29
N GLN A 57 5.46 -6.69 3.28
CA GLN A 57 4.43 -7.61 2.83
C GLN A 57 3.20 -7.59 3.74
N ALA A 58 3.44 -7.51 5.05
CA ALA A 58 2.37 -7.36 6.03
C ALA A 58 1.54 -6.12 5.71
N ILE A 59 2.23 -5.03 5.42
CA ILE A 59 1.59 -3.78 5.04
C ILE A 59 0.70 -4.01 3.83
N GLN A 60 1.22 -4.68 2.81
CA GLN A 60 0.42 -4.97 1.63
C GLN A 60 -0.84 -5.78 1.96
N MSE A 61 -0.68 -6.78 2.82
N MSE A 61 -0.69 -6.79 2.82
CA MSE A 61 -1.80 -7.63 3.22
CA MSE A 61 -1.82 -7.63 3.20
C MSE A 61 -2.88 -6.85 3.97
C MSE A 61 -2.89 -6.85 3.97
O MSE A 61 -4.07 -7.10 3.78
O MSE A 61 -4.09 -7.09 3.81
CB MSE A 61 -1.32 -8.81 4.07
CB MSE A 61 -1.36 -8.86 3.99
CG MSE A 61 -0.73 -9.96 3.27
CG MSE A 61 -0.53 -9.86 3.18
SE MSE A 61 -1.93 -10.56 1.85
SE MSE A 61 -1.45 -10.57 1.61
CE MSE A 61 -1.08 -9.70 0.33
CE MSE A 61 -0.68 -9.41 0.23
N CYS A 62 -2.46 -5.92 4.82
CA CYS A 62 -3.41 -5.08 5.56
C CYS A 62 -4.13 -4.15 4.61
N GLN A 63 -3.37 -3.55 3.69
CA GLN A 63 -3.95 -2.66 2.67
C GLN A 63 -5.03 -3.38 1.89
N GLN A 64 -4.74 -4.62 1.49
CA GLN A 64 -5.74 -5.40 0.75
C GLN A 64 -6.93 -5.80 1.61
N GLY A 65 -6.67 -6.19 2.85
CA GLY A 65 -7.72 -6.63 3.74
C GLY A 65 -8.71 -5.53 4.08
N LEU A 66 -8.19 -4.32 4.28
CA LEU A 66 -9.02 -3.19 4.67
C LEU A 66 -9.98 -2.71 3.58
N ARG A 67 -9.76 -3.16 2.34
CA ARG A 67 -10.68 -2.85 1.25
C ARG A 67 -12.06 -3.42 1.54
N TYR A 68 -12.09 -4.49 2.33
CA TYR A 68 -13.32 -5.26 2.51
C TYR A 68 -14.04 -5.00 3.82
N THR A 69 -13.53 -4.05 4.61
CA THR A 69 -14.00 -3.89 5.99
C THR A 69 -14.65 -2.54 6.28
N SER A 70 -15.13 -1.86 5.24
CA SER A 70 -15.64 -0.50 5.43
C SER A 70 -17.05 -0.45 6.04
N THR A 71 -17.76 -1.57 6.06
CA THR A 71 -19.09 -1.59 6.66
C THR A 71 -19.05 -1.98 8.14
N ALA A 72 -20.11 -1.64 8.86
CA ALA A 72 -20.20 -1.83 10.31
C ALA A 72 -19.92 -3.26 10.75
N GLU A 73 -20.41 -4.22 9.96
CA GLU A 73 -20.28 -5.63 10.32
C GLU A 73 -18.84 -6.08 10.51
N HIS A 74 -17.90 -5.35 9.91
CA HIS A 74 -16.49 -5.72 9.98
C HIS A 74 -15.65 -4.85 10.92
N VAL A 75 -16.31 -3.98 11.69
CA VAL A 75 -15.54 -3.04 12.53
C VAL A 75 -14.45 -3.74 13.37
N ALA A 76 -14.81 -4.84 14.02
CA ALA A 76 -13.86 -5.56 14.86
C ALA A 76 -12.62 -5.96 14.05
N ILE A 77 -12.85 -6.62 12.93
CA ILE A 77 -11.71 -7.13 12.17
C ILE A 77 -10.97 -5.92 11.60
N ARG A 78 -11.71 -4.85 11.32
CA ARG A 78 -11.09 -3.63 10.81
C ARG A 78 -10.03 -3.21 11.82
N SER A 79 -10.43 -3.20 13.10
CA SER A 79 -9.52 -2.72 14.12
C SER A 79 -8.24 -3.57 14.09
N LYS A 80 -8.41 -4.89 13.97
CA LYS A 80 -7.26 -5.78 13.95
C LYS A 80 -6.32 -5.38 12.82
N LEU A 81 -6.90 -5.21 11.64
CA LEU A 81 -6.08 -4.91 10.47
C LEU A 81 -5.36 -3.61 10.72
N GLN A 82 -6.09 -2.64 11.30
CA GLN A 82 -5.52 -1.30 11.44
C GLN A 82 -4.37 -1.38 12.44
N TYR A 83 -4.47 -2.30 13.39
CA TYR A 83 -3.40 -2.46 14.36
C TYR A 83 -2.15 -2.93 13.60
N ARG A 84 -2.34 -3.98 12.80
CA ARG A 84 -1.22 -4.62 12.12
C ARG A 84 -0.55 -3.64 11.18
N LEU A 85 -1.38 -2.97 10.37
CA LEU A 85 -0.91 -1.92 9.48
C LEU A 85 -0.02 -0.94 10.26
N GLU A 86 -0.53 -0.43 11.38
CA GLU A 86 0.18 0.64 12.05
C GLU A 86 1.45 0.09 12.65
N LEU A 87 1.44 -1.20 12.97
CA LEU A 87 2.62 -1.82 13.50
C LEU A 87 3.65 -1.83 12.37
N ALA A 88 3.24 -2.37 11.21
CA ALA A 88 4.19 -2.65 10.14
C ALA A 88 4.75 -1.37 9.53
N GLN A 89 3.86 -0.41 9.27
CA GLN A 89 4.27 0.92 8.83
C GLN A 89 5.32 1.41 9.80
N GLY A 90 5.00 1.30 11.09
CA GLY A 90 5.87 1.83 12.12
C GLY A 90 7.24 1.19 12.03
N ALA A 91 7.26 -0.09 11.66
CA ALA A 91 8.53 -0.80 11.61
C ALA A 91 9.42 -0.30 10.47
N VAL A 92 8.80 0.04 9.34
CA VAL A 92 9.62 0.29 8.16
C VAL A 92 9.85 1.77 7.90
N GLY A 93 9.02 2.62 8.49
CA GLY A 93 9.12 4.04 8.27
C GLY A 93 8.57 4.44 6.91
N SER A 94 8.97 3.73 5.86
CA SER A 94 8.51 4.05 4.51
C SER A 94 8.48 2.83 3.58
N VAL A 95 7.74 2.95 2.49
CA VAL A 95 7.72 1.92 1.44
C VAL A 95 7.95 2.51 0.04
N GLN A 96 8.44 1.68 -0.86
CA GLN A 96 8.63 2.07 -2.24
C GLN A 96 7.28 2.19 -2.93
N ILE A 97 7.10 3.22 -3.73
CA ILE A 97 5.91 3.39 -4.56
C ILE A 97 6.33 3.23 -6.02
N PRO A 98 5.78 2.23 -6.72
CA PRO A 98 6.27 1.91 -8.07
C PRO A 98 5.93 2.97 -9.11
N VAL A 99 6.87 3.24 -10.00
CA VAL A 99 6.63 4.12 -11.14
C VAL A 99 6.19 3.32 -12.35
N VAL A 100 5.03 3.66 -12.90
CA VAL A 100 4.53 2.98 -14.08
C VAL A 100 4.91 3.75 -15.34
N GLU A 101 5.80 3.17 -16.16
CA GLU A 101 6.18 3.78 -17.44
C GLU A 101 5.07 3.58 -18.46
N VAL A 102 4.60 4.67 -19.05
CA VAL A 102 3.56 4.58 -20.08
C VAL A 102 3.86 5.52 -21.23
N ASP A 103 3.30 5.23 -22.40
CA ASP A 103 3.39 6.14 -23.54
C ASP A 103 2.41 7.30 -23.35
N GLU A 104 1.26 7.01 -22.74
CA GLU A 104 0.29 8.04 -22.39
C GLU A 104 -0.50 7.61 -21.16
N LEU A 105 -1.17 8.56 -20.53
CA LEU A 105 -1.94 8.27 -19.33
C LEU A 105 -3.17 7.44 -19.65
N PRO A 106 -3.40 6.38 -18.86
CA PRO A 106 -4.64 5.60 -19.00
C PRO A 106 -5.88 6.45 -18.80
N GLU A 107 -7.02 5.98 -19.29
CA GLU A 107 -8.26 6.74 -19.22
C GLU A 107 -8.72 6.92 -17.77
N GLY A 108 -9.33 8.06 -17.50
CA GLY A 108 -9.81 8.38 -16.16
C GLY A 108 -8.85 9.25 -15.38
N TYR A 109 -7.70 9.53 -15.97
CA TYR A 109 -6.70 10.39 -15.35
C TYR A 109 -6.57 11.73 -16.07
N ASP A 110 -6.91 12.81 -15.37
CA ASP A 110 -6.97 14.12 -15.99
C ASP A 110 -5.60 14.65 -16.31
N ARG A 111 -5.42 15.10 -17.56
CA ARG A 111 -4.17 15.69 -18.00
C ARG A 111 -4.29 17.20 -18.11
N SER A 112 -5.48 17.73 -17.86
CA SER A 112 -5.71 19.17 -17.94
C SER A 112 -4.97 19.88 -16.81
N VAL B 78 22.73 17.77 -15.09
CA VAL B 78 21.96 17.87 -13.85
C VAL B 78 20.49 18.17 -14.16
N PRO B 79 19.57 17.39 -13.60
CA PRO B 79 18.15 17.63 -13.89
C PRO B 79 17.64 18.90 -13.23
N GLU B 80 16.70 19.56 -13.87
CA GLU B 80 16.07 20.75 -13.31
C GLU B 80 14.57 20.47 -13.17
N TYR B 81 14.17 20.00 -12.00
CA TYR B 81 12.78 19.65 -11.77
C TYR B 81 11.93 20.84 -11.37
N GLU B 82 10.71 20.89 -11.92
CA GLU B 82 9.72 21.86 -11.49
C GLU B 82 8.42 21.12 -11.19
N VAL B 83 7.79 21.51 -10.09
CA VAL B 83 6.63 20.81 -9.57
C VAL B 83 5.37 21.66 -9.64
N LYS B 84 4.28 21.05 -10.08
CA LYS B 84 2.96 21.68 -10.02
C LYS B 84 2.05 20.76 -9.24
N MSE B 85 1.08 21.32 -8.55
CA MSE B 85 0.11 20.53 -7.83
C MSE B 85 -1.27 21.07 -8.12
O MSE B 85 -1.46 22.28 -8.31
CB MSE B 85 0.43 20.55 -6.33
CG MSE B 85 1.74 19.84 -6.00
SE MSE B 85 2.36 20.01 -4.16
CE MSE B 85 1.17 18.75 -3.32
N LYS B 86 -2.26 20.17 -8.20
CA LYS B 86 -3.63 20.56 -8.49
C LYS B 86 -4.59 19.69 -7.69
N ARG B 87 -5.59 20.32 -7.08
CA ARG B 87 -6.57 19.60 -6.26
C ARG B 87 -7.83 19.28 -7.05
N PHE B 88 -8.52 18.23 -6.62
CA PHE B 88 -9.71 17.77 -7.33
C PHE B 88 -10.83 17.47 -6.33
N LYS B 89 -12.07 17.68 -6.78
CA LYS B 89 -13.24 17.35 -5.98
C LYS B 89 -14.07 16.29 -6.71
N GLY B 90 -14.69 15.39 -5.96
CA GLY B 90 -15.56 14.37 -6.52
C GLY B 90 -14.89 13.42 -7.50
N ALA B 91 -13.60 13.16 -7.30
CA ALA B 91 -12.87 12.22 -8.15
C ALA B 91 -12.22 11.10 -7.33
N ALA B 92 -11.70 10.10 -8.03
CA ALA B 92 -11.06 8.96 -7.37
C ALA B 92 -9.80 9.40 -6.60
N TYR B 93 -9.23 10.52 -7.04
CA TYR B 93 -8.06 11.09 -6.36
C TYR B 93 -8.40 12.52 -5.94
N LYS B 94 -7.63 13.04 -4.98
CA LYS B 94 -7.84 14.41 -4.50
C LYS B 94 -6.77 15.33 -5.04
N LEU B 95 -5.62 14.76 -5.37
CA LEU B 95 -4.44 15.56 -5.69
C LEU B 95 -3.70 14.98 -6.89
N ARG B 96 -3.29 15.88 -7.80
CA ARG B 96 -2.36 15.51 -8.85
C ARG B 96 -1.08 16.33 -8.74
N ILE B 97 0.06 15.64 -8.80
CA ILE B 97 1.37 16.30 -8.80
C ILE B 97 2.04 16.04 -10.14
N LEU B 98 2.51 17.12 -10.78
CA LEU B 98 3.31 17.03 -11.99
C LEU B 98 4.75 17.39 -11.69
N ILE B 99 5.66 16.47 -11.99
CA ILE B 99 7.08 16.75 -11.84
C ILE B 99 7.70 16.74 -13.22
N GLU B 100 8.27 17.86 -13.63
CA GLU B 100 8.77 18.03 -14.98
C GLU B 100 10.25 18.38 -15.00
N ASN B 101 11.04 17.66 -15.80
CA ASN B 101 12.45 18.00 -15.96
C ASN B 101 12.62 19.00 -17.09
N LYS B 102 13.21 20.15 -16.79
CA LYS B 102 13.37 21.23 -17.76
C LYS B 102 14.79 21.36 -18.31
N ALA B 103 15.71 20.56 -17.80
CA ALA B 103 17.11 20.65 -18.22
C ALA B 103 17.27 20.19 -19.66
N PRO B 104 17.90 21.02 -20.50
CA PRO B 104 18.06 20.66 -21.91
C PRO B 104 18.99 19.47 -22.13
N ASN B 105 20.17 19.51 -21.51
CA ASN B 105 21.19 18.49 -21.75
C ASN B 105 21.86 17.91 -20.50
N SER B 106 21.37 16.90 -19.79
CA SER B 106 20.05 16.26 -19.89
C SER B 106 20.10 15.13 -18.87
N LYS B 107 20.44 13.94 -19.36
CA LYS B 107 20.49 12.68 -18.61
C LYS B 107 19.13 12.05 -18.39
N PRO B 108 19.04 10.72 -18.57
CA PRO B 108 17.80 9.99 -18.26
C PRO B 108 17.46 10.08 -16.78
N ASP B 109 16.17 10.18 -16.48
CA ASP B 109 15.71 10.33 -15.11
C ASP B 109 15.59 8.99 -14.37
N ARG B 110 16.31 8.87 -13.26
CA ARG B 110 16.17 7.71 -12.38
C ARG B 110 15.22 8.06 -11.23
N PHE B 111 14.21 7.23 -11.02
CA PHE B 111 13.19 7.50 -10.01
C PHE B 111 12.92 6.27 -9.16
N SER B 112 13.19 6.38 -7.86
CA SER B 112 12.83 5.32 -6.92
C SER B 112 12.02 5.91 -5.77
N PRO B 113 10.76 6.28 -6.03
CA PRO B 113 9.97 6.99 -5.01
C PRO B 113 9.65 6.13 -3.80
N SER B 114 9.49 6.79 -2.66
CA SER B 114 9.11 6.12 -1.44
C SER B 114 8.17 7.02 -0.64
N TYR B 115 7.28 6.43 0.13
CA TYR B 115 6.35 7.20 0.93
C TYR B 115 6.61 6.96 2.41
N ASN B 116 6.88 8.03 3.13
CA ASN B 116 7.10 7.99 4.57
C ASN B 116 5.79 8.27 5.32
N PHE B 117 5.28 7.27 6.03
CA PHE B 117 3.96 7.35 6.64
C PHE B 117 3.81 8.45 7.69
N ALA B 118 4.77 8.52 8.62
CA ALA B 118 4.71 9.47 9.72
C ALA B 118 4.92 10.90 9.26
N GLU B 119 5.80 11.08 8.27
CA GLU B 119 6.07 12.42 7.74
C GLU B 119 5.00 12.86 6.77
N ASN B 120 4.32 11.87 6.18
CA ASN B 120 3.41 12.12 5.06
C ASN B 120 4.15 12.84 3.92
N ILE B 121 5.34 12.35 3.60
CA ILE B 121 6.15 12.89 2.53
C ILE B 121 6.43 11.84 1.48
N LEU B 122 6.20 12.20 0.22
CA LEU B 122 6.54 11.34 -0.91
C LEU B 122 7.89 11.75 -1.46
N TYR B 123 8.91 10.94 -1.20
CA TYR B 123 10.24 11.19 -1.73
C TYR B 123 10.29 10.66 -3.15
N ILE B 124 10.89 11.44 -4.04
CA ILE B 124 10.96 11.08 -5.45
C ILE B 124 12.33 10.54 -5.80
N ASN B 125 13.36 11.30 -5.47
CA ASN B 125 14.74 10.81 -5.49
C ASN B 125 15.61 11.60 -4.52
N GLY B 126 16.92 11.53 -4.71
CA GLY B 126 17.85 12.22 -3.82
C GLY B 126 17.59 13.71 -3.75
N LYS B 127 17.26 14.29 -4.90
CA LYS B 127 17.01 15.72 -4.98
C LYS B 127 15.64 16.11 -4.42
N LEU B 128 14.61 15.35 -4.77
CA LEU B 128 13.24 15.85 -4.68
C LEU B 128 12.31 15.13 -3.71
N SER B 129 11.54 15.91 -2.96
N SER B 129 11.54 15.91 -2.96
CA SER B 129 10.54 15.37 -2.06
CA SER B 129 10.54 15.37 -2.06
C SER B 129 9.29 16.24 -2.06
C SER B 129 9.29 16.24 -2.06
N ILE B 130 8.12 15.60 -2.09
CA ILE B 130 6.85 16.30 -2.08
C ILE B 130 6.11 15.98 -0.80
N PRO B 131 6.13 16.90 0.16
CA PRO B 131 5.24 16.72 1.31
C PRO B 131 3.81 16.77 0.80
N LEU B 132 2.94 15.95 1.35
CA LEU B 132 1.56 15.90 0.87
C LEU B 132 0.68 16.75 1.77
N PRO B 133 -0.35 17.39 1.19
CA PRO B 133 -1.28 18.22 1.96
C PRO B 133 -1.84 17.43 3.13
N ARG B 134 -1.99 18.07 4.29
CA ARG B 134 -2.35 17.37 5.51
C ARG B 134 -3.84 17.03 5.58
N ASP B 135 -4.64 17.65 4.71
CA ASP B 135 -6.08 17.46 4.73
C ASP B 135 -6.55 16.33 3.81
N ILE B 136 -5.62 15.47 3.40
CA ILE B 136 -5.93 14.38 2.48
C ILE B 136 -5.64 13.02 3.10
N VAL B 137 -6.59 12.09 3.00
CA VAL B 137 -6.33 10.72 3.40
C VAL B 137 -5.40 10.06 2.38
N VAL B 138 -4.28 9.53 2.86
CA VAL B 138 -3.31 8.93 1.95
C VAL B 138 -3.17 7.44 2.18
N ASN B 139 -3.53 6.67 1.16
CA ASN B 139 -3.31 5.24 1.15
C ASN B 139 -2.21 4.92 0.15
N ALA B 140 -1.06 4.47 0.65
CA ALA B 140 0.11 4.21 -0.18
C ALA B 140 -0.19 3.24 -1.32
N ALA B 141 -1.18 2.39 -1.11
CA ALA B 141 -1.62 1.47 -2.15
C ALA B 141 -2.26 2.22 -3.32
N ASP B 142 -2.82 3.39 -3.03
CA ASP B 142 -3.59 4.15 -4.02
C ASP B 142 -2.79 5.27 -4.69
N ILE B 143 -1.55 5.45 -4.25
CA ILE B 143 -0.68 6.43 -4.89
C ILE B 143 -0.28 5.92 -6.26
N LYS B 144 -0.79 6.57 -7.30
CA LYS B 144 -0.50 6.15 -8.67
C LYS B 144 0.53 7.07 -9.30
N ILE B 145 1.63 6.50 -9.76
CA ILE B 145 2.70 7.27 -10.40
C ILE B 145 2.96 6.78 -11.82
N PHE B 146 2.76 7.66 -12.79
CA PHE B 146 3.02 7.37 -14.19
C PHE B 146 4.18 8.21 -14.70
N HIS B 147 5.04 7.60 -15.50
CA HIS B 147 6.16 8.34 -16.08
C HIS B 147 6.06 8.34 -17.59
N ILE B 148 6.00 9.53 -18.18
CA ILE B 148 6.08 9.67 -19.63
C ILE B 148 7.45 10.22 -20.01
N ARG B 149 8.26 9.31 -20.55
CA ARG B 149 9.68 9.57 -20.81
C ARG B 149 9.88 10.69 -21.82
N LYS B 150 9.14 10.63 -22.92
CA LYS B 150 9.24 11.62 -23.98
C LYS B 150 9.05 13.04 -23.43
N GLU B 151 8.12 13.17 -22.49
CA GLU B 151 7.86 14.46 -21.87
C GLU B 151 8.74 14.69 -20.65
N ARG B 152 9.47 13.65 -20.27
CA ARG B 152 10.22 13.64 -19.02
C ARG B 152 9.34 14.15 -17.89
N THR B 153 8.16 13.56 -17.77
CA THR B 153 7.19 14.04 -16.79
C THR B 153 6.66 12.90 -15.93
N LEU B 154 6.66 13.12 -14.63
CA LEU B 154 5.98 12.25 -13.67
C LEU B 154 4.62 12.83 -13.34
N TYR B 155 3.59 11.98 -13.44
CA TYR B 155 2.22 12.30 -13.05
C TYR B 155 1.88 11.46 -11.83
N ILE B 156 1.55 12.11 -10.71
CA ILE B 156 1.25 11.41 -9.48
C ILE B 156 -0.17 11.70 -9.01
N TYR B 157 -0.98 10.65 -8.85
CA TYR B 157 -2.37 10.82 -8.43
C TYR B 157 -2.61 10.20 -7.06
N ILE B 158 -3.11 11.00 -6.14
CA ILE B 158 -3.34 10.56 -4.77
C ILE B 158 -4.75 10.93 -4.29
N SER C 1 -6.47 -10.32 25.75
CA SER C 1 -5.77 -10.98 24.65
C SER C 1 -6.56 -10.86 23.34
N ARG C 2 -6.30 -9.82 22.55
CA ARG C 2 -7.04 -9.64 21.30
C ARG C 2 -6.23 -9.21 20.08
N MET C 3 -5.69 -7.98 20.10
CA MET C 3 -5.01 -7.43 18.92
C MET C 3 -3.93 -8.36 18.38
N GLU C 4 -3.16 -8.95 19.29
CA GLU C 4 -2.03 -9.80 18.91
C GLU C 4 -2.48 -11.22 18.59
N GLU C 5 -3.77 -11.51 18.75
CA GLU C 5 -4.29 -12.83 18.45
C GLU C 5 -4.81 -12.92 17.02
N VAL C 6 -4.62 -14.08 16.38
CA VAL C 6 -5.22 -14.32 15.08
C VAL C 6 -6.72 -14.61 15.24
N ASP C 7 -7.44 -14.62 14.13
CA ASP C 7 -8.88 -14.74 14.16
C ASP C 7 -9.40 -16.01 13.45
C1 GOL D . 3.07 -0.01 -0.75
O1 GOL D . 2.61 -0.16 0.58
C2 GOL D . 1.87 -0.03 -1.70
O2 GOL D . 1.20 -1.26 -1.50
C3 GOL D . 2.33 0.07 -3.14
O3 GOL D . 3.31 -0.90 -3.41
#